data_1MRL
#
_entry.id   1MRL
#
_cell.length_a   82.914
_cell.length_b   90.905
_cell.length_c   104.529
_cell.angle_alpha   90.00
_cell.angle_beta   90.00
_cell.angle_gamma   90.00
#
_symmetry.space_group_name_H-M   'P 21 21 21'
#
loop_
_entity.id
_entity.type
_entity.pdbx_description
1 polymer 'Streptogramin A acetyltransferase'
2 non-polymer 5-(2-DIETHYLAMINO-ETHANESULFONYL)-21-HYDROXY-10-ISOPROPYL-11,19-DIMETHYL-9,26-DIOXA-3,15,28-TRIAZA-TRICYCLO[23.2.1.00,255]OCTACOSA-1(27),12,17,19,25(28)-PENTAENE-2,8,14,23-TETRAONE
#
_entity_poly.entity_id   1
_entity_poly.type   'polypeptide(L)'
_entity_poly.pdbx_seq_one_letter_code
;MGPNPMKMYPIEGNKSVQFIKPILEKLENVEVGEYSYYDSKNGETFDKQILYHYPILNDKLKIGKFCSIGPGVTIIMNGA
NHRMDGSTYPFNLFGNGWEKHMPKLDQLPIKGDTIIGNDVWIGKDVVIMPGVKIGDGAIVAANSVVVKDIAPYMLAGGNP
ANEIKQRFDQDTINQLLDIKWWNWPIDIINENIDKILDNSIIREVIWKK
;
_entity_poly.pdbx_strand_id   A,B,C
#
# COMPACT_ATOMS: atom_id res chain seq x y z
N MET A 1 12.21 34.49 -17.46
CA MET A 1 12.73 33.14 -17.76
C MET A 1 11.99 32.08 -16.96
N GLY A 2 11.65 30.97 -17.62
CA GLY A 2 10.96 29.88 -16.96
C GLY A 2 9.52 29.68 -17.37
N PRO A 3 8.89 28.65 -16.83
CA PRO A 3 7.49 28.33 -17.13
C PRO A 3 6.55 29.36 -16.51
N ASN A 4 5.38 29.50 -17.12
CA ASN A 4 4.37 30.41 -16.60
C ASN A 4 3.72 29.77 -15.38
N PRO A 5 3.89 30.39 -14.23
CA PRO A 5 3.37 29.86 -12.96
C PRO A 5 1.86 29.67 -12.95
N MET A 6 1.16 30.21 -13.95
CA MET A 6 -0.30 30.12 -13.98
C MET A 6 -0.86 29.29 -15.14
N LYS A 7 -0.05 28.40 -15.70
CA LYS A 7 -0.49 27.54 -16.78
C LYS A 7 -0.75 26.13 -16.25
N MET A 8 -1.96 25.62 -16.51
CA MET A 8 -2.36 24.29 -16.03
C MET A 8 -1.39 23.20 -16.48
N TYR A 9 -0.91 23.31 -17.73
CA TYR A 9 0.04 22.35 -18.26
C TYR A 9 1.29 23.10 -18.73
N PRO A 10 2.25 23.24 -17.82
CA PRO A 10 3.47 24.01 -18.05
C PRO A 10 4.30 23.49 -19.21
N ILE A 11 4.32 22.17 -19.37
CA ILE A 11 5.12 21.56 -20.43
C ILE A 11 4.26 20.99 -21.55
N GLU A 12 4.04 21.78 -22.58
CA GLU A 12 3.28 21.31 -23.74
C GLU A 12 4.06 20.16 -24.36
N GLY A 13 3.36 19.09 -24.71
CA GLY A 13 4.01 17.91 -25.23
C GLY A 13 4.21 16.93 -24.09
N ASN A 14 3.51 17.21 -22.99
CA ASN A 14 3.53 16.38 -21.80
C ASN A 14 2.33 16.73 -20.93
N LYS A 15 1.23 16.02 -21.15
CA LYS A 15 0.00 16.27 -20.41
C LYS A 15 -0.07 15.51 -19.08
N SER A 16 1.08 15.26 -18.47
CA SER A 16 1.12 14.56 -17.19
C SER A 16 1.56 15.49 -16.06
N VAL A 17 2.57 16.31 -16.31
CA VAL A 17 3.04 17.28 -15.33
C VAL A 17 2.09 18.48 -15.32
N GLN A 18 1.53 18.78 -14.16
CA GLN A 18 0.56 19.86 -14.04
C GLN A 18 0.83 20.77 -12.86
N PHE A 19 0.59 22.08 -13.04
CA PHE A 19 0.75 23.04 -11.96
C PHE A 19 -0.51 23.01 -11.09
N ILE A 20 -0.32 22.74 -9.81
CA ILE A 20 -1.44 22.57 -8.88
C ILE A 20 -2.26 23.82 -8.60
N LYS A 21 -1.58 24.96 -8.42
CA LYS A 21 -2.27 26.22 -8.10
C LYS A 21 -3.37 26.59 -9.09
N PRO A 22 -3.06 26.67 -10.38
CA PRO A 22 -4.04 27.01 -11.40
C PRO A 22 -5.21 26.03 -11.47
N ILE A 23 -4.99 24.79 -11.04
CA ILE A 23 -6.03 23.78 -11.07
C ILE A 23 -6.92 23.80 -9.83
N LEU A 24 -6.35 24.16 -8.69
CA LEU A 24 -7.09 24.18 -7.43
C LEU A 24 -7.54 25.58 -7.02
N GLU A 25 -7.49 26.53 -7.94
CA GLU A 25 -7.90 27.90 -7.65
C GLU A 25 -9.39 28.02 -7.36
N LYS A 26 -10.17 27.06 -7.85
CA LYS A 26 -11.61 27.08 -7.68
C LYS A 26 -12.06 26.43 -6.38
N LEU A 27 -11.23 25.56 -5.82
CA LEU A 27 -11.58 24.85 -4.60
C LEU A 27 -11.60 25.71 -3.35
N GLU A 28 -12.62 25.50 -2.51
CA GLU A 28 -12.75 26.21 -1.25
C GLU A 28 -11.89 25.50 -0.21
N ASN A 29 -11.34 26.26 0.73
CA ASN A 29 -10.50 25.72 1.80
C ASN A 29 -9.20 25.07 1.34
N VAL A 30 -8.73 25.44 0.14
CA VAL A 30 -7.49 24.87 -0.38
C VAL A 30 -6.55 25.95 -0.94
N GLU A 31 -5.51 26.26 -0.17
CA GLU A 31 -4.53 27.27 -0.56
C GLU A 31 -3.25 26.59 -1.07
N VAL A 32 -2.92 26.84 -2.33
CA VAL A 32 -1.76 26.22 -2.96
C VAL A 32 -0.77 27.24 -3.51
N GLY A 33 0.52 26.97 -3.34
CA GLY A 33 1.57 27.86 -3.79
C GLY A 33 1.99 27.67 -5.24
N GLU A 34 2.71 28.66 -5.77
CA GLU A 34 3.16 28.63 -7.16
C GLU A 34 4.29 27.64 -7.41
N TYR A 35 4.38 27.17 -8.65
CA TYR A 35 5.44 26.26 -9.10
C TYR A 35 5.33 24.82 -8.58
N SER A 36 4.52 24.60 -7.55
CA SER A 36 4.32 23.24 -7.06
C SER A 36 3.59 22.45 -8.14
N TYR A 37 4.04 21.23 -8.39
CA TYR A 37 3.47 20.42 -9.46
C TYR A 37 3.05 19.02 -9.04
N TYR A 38 2.21 18.40 -9.87
CA TYR A 38 1.76 17.03 -9.64
C TYR A 38 2.07 16.17 -10.87
N ASP A 39 2.51 14.94 -10.62
CA ASP A 39 2.84 14.00 -11.68
C ASP A 39 1.70 12.99 -11.81
N SER A 40 0.86 13.16 -12.82
CA SER A 40 -0.30 12.29 -13.01
C SER A 40 0.03 10.82 -13.28
N LYS A 41 -0.82 9.93 -12.79
CA LYS A 41 -0.63 8.49 -12.93
C LYS A 41 -1.32 7.95 -14.18
N ASN A 42 -2.53 8.43 -14.45
CA ASN A 42 -3.29 7.98 -15.62
C ASN A 42 -4.03 9.11 -16.33
N GLY A 43 -3.62 10.35 -16.07
CA GLY A 43 -4.24 11.50 -16.71
C GLY A 43 -5.19 12.26 -15.80
N GLU A 44 -5.34 11.78 -14.58
CA GLU A 44 -6.24 12.43 -13.61
C GLU A 44 -5.66 13.74 -13.09
N THR A 45 -6.53 14.67 -12.72
CA THR A 45 -6.11 15.95 -12.18
C THR A 45 -6.03 15.88 -10.65
N PHE A 46 -5.09 16.61 -10.08
CA PHE A 46 -4.81 16.58 -8.64
C PHE A 46 -6.04 16.74 -7.73
N ASP A 47 -7.10 17.38 -8.22
CA ASP A 47 -8.30 17.57 -7.41
C ASP A 47 -8.95 16.23 -7.06
N LYS A 48 -8.70 15.21 -7.87
CA LYS A 48 -9.26 13.89 -7.64
C LYS A 48 -8.46 13.12 -6.58
N GLN A 49 -7.36 13.72 -6.13
CA GLN A 49 -6.52 13.09 -5.12
C GLN A 49 -6.83 13.57 -3.70
N ILE A 50 -7.66 14.61 -3.59
CA ILE A 50 -8.08 15.13 -2.30
C ILE A 50 -9.39 14.44 -1.92
N LEU A 51 -9.39 13.70 -0.81
CA LEU A 51 -10.57 12.93 -0.43
C LEU A 51 -11.19 13.32 0.92
N TYR A 52 -12.49 13.09 1.04
CA TYR A 52 -13.25 13.36 2.26
C TYR A 52 -13.13 14.81 2.74
N HIS A 53 -13.26 15.75 1.82
CA HIS A 53 -13.16 17.16 2.18
C HIS A 53 -14.51 17.85 2.08
N TYR A 54 -15.15 18.07 3.23
CA TYR A 54 -16.47 18.68 3.29
C TYR A 54 -16.46 20.09 3.90
N PRO A 55 -16.94 21.06 3.13
CA PRO A 55 -17.00 22.47 3.57
C PRO A 55 -17.62 22.66 4.95
N ILE A 56 -18.55 21.80 5.33
CA ILE A 56 -19.22 21.94 6.62
C ILE A 56 -18.32 21.62 7.82
N LEU A 57 -17.24 20.88 7.60
CA LEU A 57 -16.32 20.56 8.67
C LEU A 57 -15.30 21.69 8.88
N ASN A 58 -15.17 22.52 7.85
CA ASN A 58 -14.31 23.72 7.92
C ASN A 58 -12.80 23.49 7.98
N ASP A 59 -12.35 22.24 7.81
CA ASP A 59 -10.92 21.97 7.79
C ASP A 59 -10.31 22.45 6.48
N LYS A 60 -9.05 22.87 6.53
CA LYS A 60 -8.40 23.42 5.33
C LYS A 60 -7.10 22.71 4.95
N LEU A 61 -6.78 22.79 3.66
CA LEU A 61 -5.55 22.19 3.12
C LEU A 61 -4.61 23.28 2.62
N LYS A 62 -3.37 23.25 3.09
CA LYS A 62 -2.39 24.25 2.67
C LYS A 62 -1.13 23.60 2.10
N ILE A 63 -0.80 23.97 0.86
CA ILE A 63 0.41 23.46 0.22
C ILE A 63 1.28 24.64 -0.20
N GLY A 64 2.57 24.57 0.14
CA GLY A 64 3.51 25.63 -0.17
C GLY A 64 3.88 25.76 -1.63
N LYS A 65 5.04 26.34 -1.88
CA LYS A 65 5.52 26.55 -3.25
C LYS A 65 6.71 25.64 -3.56
N PHE A 66 6.96 25.44 -4.85
CA PHE A 66 8.08 24.60 -5.30
C PHE A 66 8.04 23.20 -4.69
N CYS A 67 6.89 22.53 -4.78
CA CYS A 67 6.77 21.18 -4.26
C CYS A 67 6.72 20.14 -5.38
N SER A 68 7.14 18.92 -5.06
CA SER A 68 7.12 17.83 -6.04
C SER A 68 6.23 16.70 -5.55
N ILE A 69 5.04 16.58 -6.15
CA ILE A 69 4.07 15.55 -5.75
C ILE A 69 3.99 14.39 -6.75
N GLY A 70 4.57 13.26 -6.38
CA GLY A 70 4.59 12.09 -7.25
C GLY A 70 3.21 11.51 -7.55
N PRO A 71 3.16 10.63 -8.56
CA PRO A 71 1.92 9.99 -8.98
C PRO A 71 1.26 9.14 -7.90
N GLY A 72 -0.06 9.24 -7.80
CA GLY A 72 -0.81 8.42 -6.86
C GLY A 72 -0.94 8.96 -5.45
N VAL A 73 -0.24 10.05 -5.14
CA VAL A 73 -0.31 10.65 -3.82
C VAL A 73 -1.75 10.97 -3.45
N THR A 74 -2.11 10.70 -2.20
CA THR A 74 -3.47 10.93 -1.74
C THR A 74 -3.50 11.67 -0.40
N ILE A 75 -4.37 12.67 -0.31
CA ILE A 75 -4.52 13.44 0.91
C ILE A 75 -5.89 13.17 1.51
N ILE A 76 -5.90 12.64 2.74
CA ILE A 76 -7.15 12.33 3.42
C ILE A 76 -7.55 13.44 4.39
N MET A 77 -8.71 14.04 4.15
CA MET A 77 -9.21 15.06 5.05
C MET A 77 -10.08 14.44 6.15
N ASN A 78 -10.67 15.28 6.99
CA ASN A 78 -11.42 14.81 8.15
C ASN A 78 -12.77 14.14 7.93
N GLY A 79 -13.25 14.10 6.69
CA GLY A 79 -14.53 13.48 6.40
C GLY A 79 -14.59 11.99 6.66
N ALA A 80 -13.43 11.36 6.76
CA ALA A 80 -13.35 9.91 6.98
C ALA A 80 -13.66 9.47 8.41
N ASN A 81 -13.52 10.39 9.36
CA ASN A 81 -13.70 10.07 10.77
C ASN A 81 -15.10 9.64 11.20
N HIS A 82 -15.18 8.55 11.94
CA HIS A 82 -16.45 8.06 12.49
C HIS A 82 -16.57 8.51 13.95
N ARG A 83 -17.78 8.44 14.50
CA ARG A 83 -17.98 8.76 15.91
C ARG A 83 -17.32 7.65 16.74
N MET A 84 -16.75 7.99 17.90
CA MET A 84 -16.00 6.97 18.65
C MET A 84 -16.23 6.87 20.16
N ASP A 85 -17.22 7.57 20.70
CA ASP A 85 -17.46 7.45 22.14
C ASP A 85 -18.32 6.22 22.46
N GLY A 86 -18.81 5.57 21.41
CA GLY A 86 -19.61 4.36 21.53
C GLY A 86 -19.42 3.51 20.28
N SER A 87 -20.51 3.13 19.64
CA SER A 87 -20.46 2.36 18.41
C SER A 87 -19.98 3.23 17.24
N THR A 88 -19.28 2.63 16.29
CA THR A 88 -18.77 3.36 15.14
C THR A 88 -19.68 3.27 13.92
N TYR A 89 -20.86 2.65 14.09
CA TYR A 89 -21.81 2.51 12.99
C TYR A 89 -22.54 3.81 12.70
N PRO A 90 -22.51 4.23 11.44
N PRO A 90 -22.47 4.26 11.45
CA PRO A 90 -23.13 5.48 11.02
CA PRO A 90 -23.13 5.49 11.02
C PRO A 90 -24.63 5.36 10.78
C PRO A 90 -24.63 5.34 10.77
N PHE A 91 -25.38 5.04 11.83
CA PHE A 91 -26.83 4.87 11.71
C PHE A 91 -27.45 5.99 10.86
N ASN A 92 -27.14 7.23 11.23
CA ASN A 92 -27.67 8.43 10.57
C ASN A 92 -27.67 8.44 9.04
N LEU A 93 -26.63 7.88 8.43
CA LEU A 93 -26.50 7.92 6.97
C LEU A 93 -27.50 7.05 6.23
N PHE A 94 -28.12 6.11 6.93
CA PHE A 94 -29.05 5.19 6.28
C PHE A 94 -30.48 5.73 6.17
N GLY A 95 -30.78 6.79 6.92
CA GLY A 95 -32.08 7.43 6.86
C GLY A 95 -33.23 6.61 7.40
N ASN A 96 -34.42 6.86 6.86
CA ASN A 96 -35.65 6.16 7.27
C ASN A 96 -36.00 6.33 8.74
N GLY A 97 -35.59 7.45 9.31
CA GLY A 97 -35.85 7.73 10.71
C GLY A 97 -34.57 7.75 11.53
N TRP A 98 -33.52 7.15 11.00
CA TRP A 98 -32.24 7.11 11.69
C TRP A 98 -31.52 8.46 11.60
N GLU A 99 -32.03 9.35 10.74
CA GLU A 99 -31.41 10.66 10.58
C GLU A 99 -31.53 11.51 11.85
N LYS A 100 -32.30 11.02 12.81
CA LYS A 100 -32.42 11.72 14.09
C LYS A 100 -31.07 11.64 14.79
N HIS A 101 -30.34 10.56 14.51
CA HIS A 101 -29.07 10.28 15.19
C HIS A 101 -27.84 10.88 14.53
N MET A 102 -27.94 12.14 14.09
CA MET A 102 -26.80 12.84 13.50
C MET A 102 -25.94 13.43 14.61
N PRO A 103 -24.63 13.33 14.47
N PRO A 103 -24.63 13.30 14.49
CA PRO A 103 -23.70 13.80 15.51
CA PRO A 103 -23.69 13.80 15.51
C PRO A 103 -23.77 15.31 15.76
C PRO A 103 -23.78 15.30 15.76
N LYS A 104 -23.70 15.70 17.03
CA LYS A 104 -23.74 17.10 17.41
C LYS A 104 -22.37 17.71 17.19
N LEU A 105 -22.31 19.03 17.14
CA LEU A 105 -21.06 19.76 16.92
C LEU A 105 -19.86 19.18 17.65
N ASP A 106 -20.04 18.74 18.89
CA ASP A 106 -18.92 18.25 19.69
C ASP A 106 -18.79 16.73 19.85
N GLN A 107 -19.35 15.96 18.92
CA GLN A 107 -19.17 14.51 18.98
C GLN A 107 -18.44 13.95 17.74
N LEU A 108 -17.74 14.83 17.05
CA LEU A 108 -16.93 14.45 15.90
C LEU A 108 -15.60 15.20 15.97
N PRO A 109 -14.75 14.82 16.92
CA PRO A 109 -13.45 15.48 17.09
C PRO A 109 -12.72 15.64 15.77
N ILE A 110 -12.06 16.79 15.59
CA ILE A 110 -11.31 17.08 14.39
C ILE A 110 -9.82 17.07 14.71
N LYS A 111 -9.04 16.43 13.85
CA LYS A 111 -7.59 16.33 14.06
C LYS A 111 -6.83 17.60 13.69
N GLY A 112 -7.50 18.54 13.02
CA GLY A 112 -6.87 19.78 12.63
C GLY A 112 -6.66 19.93 11.13
N ASP A 113 -5.96 20.99 10.74
CA ASP A 113 -5.70 21.25 9.32
C ASP A 113 -4.51 20.45 8.79
N THR A 114 -4.38 20.43 7.47
CA THR A 114 -3.27 19.74 6.82
C THR A 114 -2.40 20.78 6.12
N ILE A 115 -1.16 20.92 6.58
CA ILE A 115 -0.26 21.88 5.94
C ILE A 115 1.04 21.23 5.50
N ILE A 116 1.31 21.33 4.20
CA ILE A 116 2.56 20.86 3.63
C ILE A 116 3.41 22.10 3.35
N GLY A 117 4.65 22.09 3.83
CA GLY A 117 5.53 23.23 3.69
C GLY A 117 6.01 23.56 2.29
N ASN A 118 7.12 24.30 2.22
CA ASN A 118 7.70 24.69 0.94
C ASN A 118 8.85 23.78 0.53
N ASP A 119 9.06 23.65 -0.77
CA ASP A 119 10.16 22.85 -1.31
C ASP A 119 10.13 21.41 -0.77
N VAL A 120 8.94 20.82 -0.74
CA VAL A 120 8.77 19.46 -0.22
C VAL A 120 8.64 18.43 -1.33
N TRP A 121 9.31 17.29 -1.15
CA TRP A 121 9.26 16.21 -2.13
C TRP A 121 8.47 15.02 -1.60
N ILE A 122 7.33 14.74 -2.21
CA ILE A 122 6.50 13.61 -1.80
C ILE A 122 6.57 12.51 -2.85
N GLY A 123 6.99 11.32 -2.42
CA GLY A 123 7.14 10.19 -3.32
C GLY A 123 5.84 9.60 -3.85
N LYS A 124 5.98 8.60 -4.71
CA LYS A 124 4.83 7.95 -5.34
C LYS A 124 3.95 7.19 -4.36
N ASP A 125 2.63 7.28 -4.57
CA ASP A 125 1.64 6.55 -3.79
C ASP A 125 1.68 6.77 -2.28
N VAL A 126 2.07 7.97 -1.86
CA VAL A 126 2.11 8.28 -0.44
C VAL A 126 0.70 8.69 0.04
N VAL A 127 0.36 8.30 1.26
CA VAL A 127 -0.93 8.64 1.83
C VAL A 127 -0.78 9.59 3.01
N ILE A 128 -1.46 10.73 2.94
CA ILE A 128 -1.42 11.71 4.02
C ILE A 128 -2.71 11.66 4.84
N MET A 129 -2.59 11.27 6.11
CA MET A 129 -3.75 11.20 7.01
C MET A 129 -4.11 12.59 7.55
N PRO A 130 -5.32 12.74 8.08
CA PRO A 130 -5.83 14.03 8.52
C PRO A 130 -5.03 14.75 9.61
N GLY A 131 -4.96 16.06 9.50
CA GLY A 131 -4.32 16.91 10.49
C GLY A 131 -2.80 16.99 10.55
N VAL A 132 -2.11 16.30 9.65
CA VAL A 132 -0.65 16.28 9.70
C VAL A 132 0.03 17.52 9.10
N LYS A 133 1.24 17.80 9.59
CA LYS A 133 2.02 18.94 9.11
C LYS A 133 3.40 18.47 8.65
N ILE A 134 3.88 19.05 7.55
CA ILE A 134 5.19 18.69 7.03
C ILE A 134 6.05 19.94 6.80
N GLY A 135 7.18 20.01 7.49
CA GLY A 135 8.07 21.16 7.41
C GLY A 135 8.75 21.34 6.07
N ASP A 136 9.23 22.56 5.83
CA ASP A 136 9.92 22.91 4.59
C ASP A 136 11.10 21.99 4.31
N GLY A 137 11.37 21.74 3.04
CA GLY A 137 12.49 20.93 2.61
C GLY A 137 12.47 19.47 3.03
N ALA A 138 11.30 18.96 3.38
CA ALA A 138 11.18 17.57 3.80
C ALA A 138 11.05 16.62 2.62
N ILE A 139 11.45 15.38 2.82
CA ILE A 139 11.35 14.36 1.78
C ILE A 139 10.63 13.13 2.34
N VAL A 140 9.51 12.77 1.71
CA VAL A 140 8.74 11.61 2.14
C VAL A 140 8.95 10.46 1.17
N ALA A 141 9.46 9.34 1.68
CA ALA A 141 9.70 8.16 0.87
C ALA A 141 8.42 7.63 0.24
N ALA A 142 8.55 7.03 -0.95
CA ALA A 142 7.41 6.48 -1.66
C ALA A 142 6.67 5.43 -0.83
N ASN A 143 5.36 5.34 -1.04
CA ASN A 143 4.53 4.34 -0.37
C ASN A 143 4.39 4.51 1.14
N SER A 144 4.63 5.71 1.64
CA SER A 144 4.53 5.96 3.07
C SER A 144 3.10 6.28 3.45
N VAL A 145 2.81 6.14 4.74
CA VAL A 145 1.50 6.46 5.30
C VAL A 145 1.77 7.35 6.51
N VAL A 146 1.64 8.65 6.31
CA VAL A 146 1.97 9.62 7.35
C VAL A 146 0.82 9.93 8.31
N VAL A 147 1.01 9.61 9.58
CA VAL A 147 0.00 9.87 10.60
C VAL A 147 0.45 10.99 11.55
N LYS A 148 1.76 11.18 11.66
CA LYS A 148 2.31 12.22 12.54
C LYS A 148 3.01 13.32 11.74
N ASP A 149 3.36 14.40 12.43
CA ASP A 149 4.04 15.51 11.78
C ASP A 149 5.47 15.12 11.41
N ILE A 150 6.05 15.86 10.48
CA ILE A 150 7.43 15.64 10.06
C ILE A 150 8.19 16.97 10.11
N ALA A 151 9.29 16.98 10.86
CA ALA A 151 10.11 18.17 11.02
C ALA A 151 10.73 18.63 9.70
N PRO A 152 11.10 19.90 9.63
CA PRO A 152 11.70 20.48 8.42
C PRO A 152 13.02 19.82 8.03
N TYR A 153 13.19 19.57 6.74
CA TYR A 153 14.41 18.97 6.21
C TYR A 153 14.71 17.58 6.77
N MET A 154 13.68 16.75 6.87
CA MET A 154 13.84 15.40 7.38
C MET A 154 13.55 14.36 6.31
N LEU A 155 14.10 13.17 6.49
CA LEU A 155 13.82 12.04 5.60
C LEU A 155 12.93 11.07 6.34
N ALA A 156 11.68 10.96 5.92
CA ALA A 156 10.74 10.06 6.56
C ALA A 156 10.19 9.04 5.58
N GLY A 157 9.74 7.91 6.12
CA GLY A 157 9.17 6.84 5.31
C GLY A 157 8.59 5.71 6.15
N GLY A 158 7.85 4.82 5.51
CA GLY A 158 7.27 3.68 6.20
C GLY A 158 5.79 3.83 6.49
N ASN A 159 5.22 2.80 7.11
CA ASN A 159 3.81 2.78 7.47
C ASN A 159 3.63 2.09 8.82
N PRO A 160 3.47 2.88 9.89
CA PRO A 160 3.40 4.35 9.81
C PRO A 160 4.75 4.98 9.52
N ALA A 161 4.73 6.15 8.89
CA ALA A 161 5.95 6.88 8.56
C ALA A 161 6.71 7.32 9.80
N ASN A 162 8.02 7.20 9.75
CA ASN A 162 8.89 7.61 10.84
C ASN A 162 10.10 8.35 10.31
N GLU A 163 10.67 9.24 11.12
CA GLU A 163 11.83 10.00 10.70
C GLU A 163 13.06 9.10 10.64
N ILE A 164 13.74 9.13 9.50
CA ILE A 164 14.91 8.28 9.29
C ILE A 164 16.23 9.00 9.52
N LYS A 165 16.31 10.25 9.07
CA LYS A 165 17.57 10.97 9.09
C LYS A 165 17.42 12.46 8.81
N GLN A 166 18.39 13.25 9.28
CA GLN A 166 18.41 14.68 9.03
C GLN A 166 19.20 14.93 7.75
N ARG A 167 18.60 15.67 6.82
CA ARG A 167 19.24 15.96 5.54
C ARG A 167 20.56 16.72 5.71
N PHE A 168 20.56 17.74 6.56
CA PHE A 168 21.76 18.54 6.80
C PHE A 168 21.96 18.83 8.28
N ASP A 169 22.99 19.62 8.60
CA ASP A 169 23.28 19.99 9.98
C ASP A 169 22.30 21.05 10.47
N GLN A 170 22.21 21.23 11.78
CA GLN A 170 21.30 22.21 12.36
C GLN A 170 21.51 23.61 11.80
N ASP A 171 22.72 24.13 11.94
CA ASP A 171 23.05 25.48 11.46
C ASP A 171 22.60 25.72 10.02
N THR A 172 22.78 24.72 9.16
CA THR A 172 22.39 24.85 7.77
C THR A 172 20.87 24.93 7.63
N ILE A 173 20.16 24.10 8.38
CA ILE A 173 18.71 24.11 8.37
C ILE A 173 18.21 25.45 8.92
N ASN A 174 18.83 25.89 10.01
CA ASN A 174 18.47 27.16 10.64
C ASN A 174 18.57 28.33 9.65
N GLN A 175 19.64 28.36 8.88
CA GLN A 175 19.84 29.42 7.89
C GLN A 175 18.85 29.31 6.75
N LEU A 176 18.70 28.10 6.20
CA LEU A 176 17.78 27.85 5.11
C LEU A 176 16.36 28.31 5.44
N LEU A 177 15.91 27.98 6.64
CA LEU A 177 14.57 28.36 7.10
C LEU A 177 14.43 29.87 7.28
N ASP A 178 15.55 30.55 7.45
CA ASP A 178 15.54 31.98 7.69
C ASP A 178 15.57 32.82 6.40
N ILE A 179 16.22 32.31 5.37
CA ILE A 179 16.30 33.05 4.11
C ILE A 179 15.10 32.82 3.21
N LYS A 180 14.50 31.64 3.31
CA LYS A 180 13.31 31.30 2.53
C LYS A 180 13.42 31.80 1.09
N TRP A 181 14.31 31.16 0.32
CA TRP A 181 14.55 31.55 -1.06
C TRP A 181 13.30 31.48 -1.94
N TRP A 182 12.34 30.67 -1.51
CA TRP A 182 11.10 30.48 -2.27
C TRP A 182 10.20 31.71 -2.31
N ASN A 183 10.46 32.69 -1.45
CA ASN A 183 9.64 33.90 -1.42
C ASN A 183 10.28 35.07 -2.14
N TRP A 184 11.45 34.83 -2.73
CA TRP A 184 12.16 35.86 -3.49
C TRP A 184 11.43 36.13 -4.81
N PRO A 185 11.68 37.31 -5.38
CA PRO A 185 11.11 37.64 -6.69
C PRO A 185 11.65 36.68 -7.74
N ILE A 186 10.81 36.28 -8.69
CA ILE A 186 11.21 35.30 -9.71
C ILE A 186 12.53 35.63 -10.39
N ASP A 187 12.78 36.91 -10.65
CA ASP A 187 14.01 37.33 -11.32
C ASP A 187 15.25 37.08 -10.48
N ILE A 188 15.12 37.24 -9.16
CA ILE A 188 16.23 37.01 -8.25
C ILE A 188 16.51 35.51 -8.15
N ILE A 189 15.44 34.72 -8.14
CA ILE A 189 15.56 33.27 -8.08
C ILE A 189 16.36 32.74 -9.26
N ASN A 190 16.02 33.23 -10.46
CA ASN A 190 16.69 32.81 -11.68
C ASN A 190 18.19 33.01 -11.65
N GLU A 191 18.64 34.07 -10.97
CA GLU A 191 20.06 34.37 -10.88
C GLU A 191 20.74 33.59 -9.75
N ASN A 192 20.00 32.68 -9.13
CA ASN A 192 20.56 31.91 -8.01
C ASN A 192 20.20 30.42 -8.04
N ILE A 193 19.39 30.02 -9.02
CA ILE A 193 18.96 28.63 -9.12
C ILE A 193 20.08 27.64 -8.82
N ASP A 194 21.28 27.92 -9.33
CA ASP A 194 22.44 27.06 -9.11
C ASP A 194 22.81 27.00 -7.64
N LYS A 195 22.92 28.17 -7.02
CA LYS A 195 23.28 28.26 -5.60
C LYS A 195 22.23 27.57 -4.74
N ILE A 196 21.01 27.49 -5.25
CA ILE A 196 19.92 26.85 -4.54
C ILE A 196 20.03 25.33 -4.66
N LEU A 197 20.56 24.88 -5.79
CA LEU A 197 20.71 23.45 -6.03
C LEU A 197 21.89 22.84 -5.27
N ASP A 198 22.93 23.64 -5.04
CA ASP A 198 24.11 23.12 -4.34
C ASP A 198 24.18 23.56 -2.88
N ASN A 199 23.13 24.24 -2.41
CA ASN A 199 23.04 24.64 -1.01
C ASN A 199 24.04 25.73 -0.63
N SER A 200 24.67 26.35 -1.62
CA SER A 200 25.66 27.40 -1.35
C SER A 200 24.98 28.76 -1.14
N ILE A 201 23.65 28.76 -1.21
CA ILE A 201 22.89 29.99 -1.03
C ILE A 201 23.01 30.50 0.40
N ILE A 202 23.42 29.62 1.32
CA ILE A 202 23.58 29.99 2.72
C ILE A 202 24.88 30.76 2.95
N ARG A 203 25.78 30.72 1.97
CA ARG A 203 27.05 31.43 2.07
C ARG A 203 26.83 32.89 1.72
N GLU A 204 26.62 33.15 0.44
CA GLU A 204 26.38 34.50 -0.06
C GLU A 204 25.26 35.19 0.72
N MET B 1 -38.43 0.18 11.37
CA MET B 1 -37.77 1.48 11.05
C MET B 1 -36.34 1.25 10.56
N GLY B 2 -35.88 2.12 9.66
CA GLY B 2 -34.54 2.00 9.12
C GLY B 2 -34.54 1.34 7.76
N PRO B 3 -33.35 1.12 7.21
CA PRO B 3 -33.19 0.50 5.90
C PRO B 3 -33.62 -0.96 5.91
N ASN B 4 -33.87 -1.52 4.73
CA ASN B 4 -34.19 -2.93 4.61
C ASN B 4 -32.89 -3.72 4.64
N PRO B 5 -32.74 -4.55 5.67
CA PRO B 5 -31.52 -5.35 5.86
C PRO B 5 -31.25 -6.31 4.71
N MET B 6 -32.18 -6.43 3.78
CA MET B 6 -32.05 -7.37 2.67
C MET B 6 -32.00 -6.67 1.31
N LYS B 7 -31.61 -5.40 1.31
CA LYS B 7 -31.52 -4.64 0.07
C LYS B 7 -30.07 -4.44 -0.33
N MET B 8 -29.70 -4.91 -1.51
CA MET B 8 -28.33 -4.79 -2.00
C MET B 8 -27.83 -3.35 -1.91
N TYR B 9 -28.66 -2.42 -2.35
CA TYR B 9 -28.31 -1.00 -2.27
C TYR B 9 -29.33 -0.27 -1.40
N PRO B 10 -29.03 -0.21 -0.11
CA PRO B 10 -29.92 0.36 0.91
C PRO B 10 -30.21 1.85 0.78
N ILE B 11 -29.25 2.63 0.31
CA ILE B 11 -29.43 4.07 0.22
C ILE B 11 -29.80 4.56 -1.19
N GLU B 12 -31.01 5.09 -1.31
CA GLU B 12 -31.46 5.64 -2.58
C GLU B 12 -30.63 6.87 -2.92
N GLY B 13 -30.06 6.87 -4.12
CA GLY B 13 -29.22 7.99 -4.54
C GLY B 13 -27.76 7.83 -4.16
N ASN B 14 -27.30 6.58 -4.10
CA ASN B 14 -25.91 6.29 -3.79
C ASN B 14 -25.58 4.82 -4.04
N LYS B 15 -25.22 4.50 -5.27
CA LYS B 15 -24.89 3.13 -5.66
C LYS B 15 -23.48 2.72 -5.25
N SER B 16 -23.01 3.24 -4.12
CA SER B 16 -21.70 2.90 -3.59
C SER B 16 -21.85 2.05 -2.34
N VAL B 17 -22.70 2.52 -1.43
CA VAL B 17 -22.96 1.80 -0.19
C VAL B 17 -23.80 0.57 -0.49
N GLN B 18 -23.29 -0.60 -0.12
CA GLN B 18 -24.00 -1.84 -0.38
C GLN B 18 -24.00 -2.77 0.83
N PHE B 19 -25.10 -3.48 1.03
CA PHE B 19 -25.21 -4.43 2.13
C PHE B 19 -24.53 -5.75 1.75
N ILE B 20 -23.56 -6.16 2.56
CA ILE B 20 -22.77 -7.36 2.31
C ILE B 20 -23.57 -8.66 2.19
N LYS B 21 -24.38 -8.95 3.21
CA LYS B 21 -25.13 -10.20 3.25
C LYS B 21 -25.81 -10.59 1.92
N PRO B 22 -26.69 -9.73 1.42
CA PRO B 22 -27.42 -10.02 0.17
C PRO B 22 -26.48 -10.27 -1.00
N ILE B 23 -25.34 -9.60 -1.01
CA ILE B 23 -24.39 -9.72 -2.10
C ILE B 23 -23.58 -11.02 -2.06
N LEU B 24 -23.20 -11.47 -0.87
CA LEU B 24 -22.41 -12.69 -0.72
C LEU B 24 -23.26 -13.92 -0.40
N GLU B 25 -24.58 -13.79 -0.54
CA GLU B 25 -25.49 -14.89 -0.23
C GLU B 25 -25.24 -16.14 -1.07
N LYS B 26 -24.66 -15.95 -2.26
CA LYS B 26 -24.41 -17.06 -3.17
C LYS B 26 -23.16 -17.86 -2.81
N LEU B 27 -22.14 -17.18 -2.29
CA LEU B 27 -20.86 -17.80 -1.99
C LEU B 27 -20.92 -18.93 -0.96
N GLU B 28 -20.20 -20.00 -1.26
CA GLU B 28 -20.05 -21.12 -0.34
C GLU B 28 -18.95 -20.74 0.64
N ASN B 29 -19.06 -21.23 1.87
CA ASN B 29 -18.05 -20.98 2.89
C ASN B 29 -17.89 -19.51 3.27
N VAL B 30 -18.94 -18.72 3.05
CA VAL B 30 -18.93 -17.31 3.41
C VAL B 30 -20.22 -16.93 4.13
N GLU B 31 -20.08 -16.54 5.39
CA GLU B 31 -21.22 -16.17 6.23
C GLU B 31 -21.08 -14.72 6.66
N VAL B 32 -22.08 -13.89 6.35
CA VAL B 32 -22.02 -12.48 6.69
C VAL B 32 -23.30 -12.01 7.38
N GLY B 33 -23.15 -11.08 8.32
CA GLY B 33 -24.26 -10.58 9.12
C GLY B 33 -25.03 -9.41 8.55
N GLU B 34 -26.17 -9.11 9.17
CA GLU B 34 -27.03 -8.02 8.75
C GLU B 34 -26.42 -6.64 9.01
N TYR B 35 -26.81 -5.68 8.18
CA TYR B 35 -26.40 -4.28 8.33
C TYR B 35 -24.94 -3.95 8.01
N SER B 36 -24.06 -4.94 8.06
CA SER B 36 -22.66 -4.70 7.69
C SER B 36 -22.63 -4.23 6.23
N TYR B 37 -21.88 -3.17 5.96
CA TYR B 37 -21.88 -2.59 4.62
C TYR B 37 -20.50 -2.33 4.03
N TYR B 38 -20.48 -2.13 2.72
CA TYR B 38 -19.25 -1.85 1.97
C TYR B 38 -19.37 -0.54 1.21
N ASP B 39 -18.33 0.29 1.26
CA ASP B 39 -18.30 1.53 0.51
C ASP B 39 -17.44 1.31 -0.74
N SER B 40 -18.09 1.17 -1.90
CA SER B 40 -17.39 0.86 -3.15
C SER B 40 -16.41 1.92 -3.64
N LYS B 41 -15.24 1.46 -4.06
CA LYS B 41 -14.18 2.34 -4.53
C LYS B 41 -14.39 2.82 -5.97
N ASN B 42 -14.83 1.92 -6.84
CA ASN B 42 -15.04 2.27 -8.25
C ASN B 42 -16.28 1.61 -8.86
N GLY B 43 -17.23 1.23 -8.01
CA GLY B 43 -18.45 0.60 -8.47
C GLY B 43 -18.39 -0.91 -8.42
N GLU B 44 -17.26 -1.44 -7.95
CA GLU B 44 -17.10 -2.89 -7.84
C GLU B 44 -17.87 -3.43 -6.65
N THR B 45 -18.35 -4.66 -6.77
CA THR B 45 -19.10 -5.30 -5.70
C THR B 45 -18.15 -6.06 -4.77
N PHE B 46 -18.50 -6.14 -3.49
CA PHE B 46 -17.61 -6.71 -2.48
C PHE B 46 -17.09 -8.12 -2.78
N ASP B 47 -17.84 -8.91 -3.54
CA ASP B 47 -17.40 -10.27 -3.85
C ASP B 47 -16.06 -10.27 -4.57
N LYS B 48 -15.78 -9.18 -5.29
CA LYS B 48 -14.53 -9.02 -6.02
C LYS B 48 -13.34 -8.71 -5.11
N GLN B 49 -13.61 -8.57 -3.81
CA GLN B 49 -12.56 -8.23 -2.85
C GLN B 49 -12.07 -9.44 -2.05
N ILE B 50 -12.69 -10.59 -2.28
CA ILE B 50 -12.28 -11.82 -1.60
C ILE B 50 -11.41 -12.63 -2.55
N LEU B 51 -10.13 -12.78 -2.20
CA LEU B 51 -9.18 -13.44 -3.10
C LEU B 51 -8.64 -14.77 -2.56
N TYR B 52 -8.28 -15.65 -3.49
CA TYR B 52 -7.70 -16.96 -3.19
C TYR B 52 -8.58 -17.82 -2.28
N HIS B 53 -9.88 -17.82 -2.53
CA HIS B 53 -10.81 -18.62 -1.74
C HIS B 53 -11.22 -19.87 -2.54
N TYR B 54 -10.60 -20.99 -2.21
CA TYR B 54 -10.85 -22.24 -2.92
C TYR B 54 -11.61 -23.27 -2.10
N PRO B 55 -12.75 -23.72 -2.62
CA PRO B 55 -13.59 -24.72 -1.96
C PRO B 55 -12.82 -25.97 -1.53
N ILE B 56 -11.83 -26.38 -2.31
CA ILE B 56 -11.07 -27.59 -2.00
C ILE B 56 -10.29 -27.51 -0.69
N LEU B 57 -9.96 -26.30 -0.26
CA LEU B 57 -9.21 -26.12 0.98
C LEU B 57 -10.14 -26.08 2.19
N ASN B 58 -11.39 -25.68 1.94
CA ASN B 58 -12.44 -25.68 2.96
C ASN B 58 -12.35 -24.59 4.04
N ASP B 59 -11.49 -23.59 3.85
CA ASP B 59 -11.42 -22.51 4.81
C ASP B 59 -12.64 -21.60 4.68
N LYS B 60 -13.13 -21.08 5.80
CA LYS B 60 -14.34 -20.27 5.81
C LYS B 60 -14.08 -18.79 6.12
N LEU B 61 -14.96 -17.93 5.66
CA LEU B 61 -14.89 -16.51 5.96
C LEU B 61 -16.13 -16.10 6.76
N LYS B 62 -15.91 -15.48 7.92
CA LYS B 62 -17.02 -15.07 8.77
C LYS B 62 -16.96 -13.59 9.15
N ILE B 63 -18.01 -12.86 8.80
CA ILE B 63 -18.12 -11.45 9.14
C ILE B 63 -19.38 -11.25 9.98
N GLY B 64 -19.25 -10.49 11.07
CA GLY B 64 -20.36 -10.27 11.98
C GLY B 64 -21.38 -9.27 11.47
N LYS B 65 -22.16 -8.71 12.40
CA LYS B 65 -23.19 -7.75 12.05
C LYS B 65 -22.77 -6.32 12.39
N PHE B 66 -23.39 -5.36 11.71
CA PHE B 66 -23.13 -3.94 11.94
C PHE B 66 -21.67 -3.53 11.78
N CYS B 67 -21.06 -3.97 10.69
CA CYS B 67 -19.66 -3.60 10.41
C CYS B 67 -19.58 -2.50 9.37
N SER B 68 -18.45 -1.81 9.32
CA SER B 68 -18.23 -0.74 8.36
C SER B 68 -16.94 -1.00 7.60
N ILE B 69 -17.06 -1.47 6.35
CA ILE B 69 -15.88 -1.77 5.55
C ILE B 69 -15.55 -0.65 4.57
N GLY B 70 -14.35 -0.09 4.70
CA GLY B 70 -13.90 0.97 3.81
C GLY B 70 -13.61 0.49 2.41
N PRO B 71 -13.50 1.44 1.48
CA PRO B 71 -13.23 1.13 0.08
C PRO B 71 -11.84 0.54 -0.14
N GLY B 72 -11.74 -0.45 -1.03
CA GLY B 72 -10.46 -1.02 -1.38
C GLY B 72 -9.98 -2.15 -0.48
N VAL B 73 -10.74 -2.43 0.57
CA VAL B 73 -10.39 -3.50 1.50
C VAL B 73 -10.41 -4.85 0.79
N THR B 74 -9.36 -5.63 0.98
CA THR B 74 -9.26 -6.96 0.37
C THR B 74 -9.00 -8.02 1.42
N ILE B 75 -9.64 -9.17 1.26
CA ILE B 75 -9.49 -10.31 2.17
C ILE B 75 -8.77 -11.44 1.46
N ILE B 76 -7.60 -11.82 1.96
CA ILE B 76 -6.80 -12.88 1.35
C ILE B 76 -6.98 -14.21 2.06
N MET B 77 -7.57 -15.19 1.39
CA MET B 77 -7.76 -16.52 1.97
C MET B 77 -6.53 -17.41 1.76
N ASN B 78 -6.64 -18.68 2.13
CA ASN B 78 -5.50 -19.61 2.11
C ASN B 78 -4.98 -20.08 0.75
N GLY B 79 -5.58 -19.64 -0.34
CA GLY B 79 -5.15 -20.05 -1.66
C GLY B 79 -3.86 -19.39 -2.12
N ALA B 80 -3.27 -18.56 -1.27
CA ALA B 80 -2.05 -17.83 -1.62
C ALA B 80 -0.78 -18.51 -1.11
N ASN B 81 -0.93 -19.34 -0.09
CA ASN B 81 0.21 -20.01 0.53
C ASN B 81 0.93 -21.00 -0.37
N HIS B 82 2.25 -20.94 -0.39
CA HIS B 82 3.07 -21.89 -1.14
C HIS B 82 3.62 -22.94 -0.19
N ARG B 83 4.07 -24.07 -0.72
CA ARG B 83 4.69 -25.10 0.10
C ARG B 83 6.01 -24.55 0.61
N MET B 84 6.37 -24.87 1.85
CA MET B 84 7.58 -24.27 2.44
C MET B 84 8.58 -25.21 3.11
N ASP B 85 8.43 -26.53 2.95
CA ASP B 85 9.39 -27.44 3.56
C ASP B 85 10.66 -27.56 2.72
N GLY B 86 10.61 -27.00 1.51
CA GLY B 86 11.74 -26.99 0.61
C GLY B 86 11.65 -25.80 -0.32
N SER B 87 11.69 -26.06 -1.63
CA SER B 87 11.57 -25.00 -2.62
C SER B 87 10.14 -24.48 -2.68
N THR B 88 9.98 -23.19 -2.91
CA THR B 88 8.64 -22.59 -2.98
C THR B 88 8.08 -22.60 -4.40
N TYR B 89 8.82 -23.18 -5.33
CA TYR B 89 8.39 -23.25 -6.73
C TYR B 89 7.27 -24.27 -6.94
N PRO B 90 6.16 -23.79 -7.49
N PRO B 90 6.14 -23.79 -7.44
CA PRO B 90 4.98 -24.63 -7.71
CA PRO B 90 4.97 -24.63 -7.70
C PRO B 90 5.07 -25.45 -8.99
C PRO B 90 5.08 -25.44 -9.00
N PHE B 91 6.00 -26.42 -9.02
CA PHE B 91 6.18 -27.27 -10.19
C PHE B 91 4.87 -27.79 -10.75
N ASN B 92 3.99 -28.26 -9.88
CA ASN B 92 2.71 -28.85 -10.26
C ASN B 92 1.84 -28.04 -11.21
N LEU B 93 1.79 -26.73 -11.03
CA LEU B 93 0.93 -25.85 -11.83
C LEU B 93 1.23 -25.84 -13.32
N PHE B 94 2.49 -26.08 -13.68
CA PHE B 94 2.90 -26.00 -15.08
C PHE B 94 2.54 -27.22 -15.93
N GLY B 95 2.08 -28.28 -15.29
CA GLY B 95 1.69 -29.49 -15.99
C GLY B 95 2.80 -30.12 -16.80
N ASN B 96 2.45 -30.67 -17.96
CA ASN B 96 3.41 -31.31 -18.86
C ASN B 96 4.25 -32.38 -18.18
N GLY B 97 3.66 -33.07 -17.21
CA GLY B 97 4.35 -34.12 -16.48
C GLY B 97 4.59 -33.77 -15.02
N TRP B 98 4.76 -32.49 -14.74
CA TRP B 98 5.03 -32.03 -13.38
C TRP B 98 3.80 -32.08 -12.47
N GLU B 99 2.65 -32.44 -13.04
CA GLU B 99 1.42 -32.52 -12.27
C GLU B 99 1.46 -33.63 -11.22
N LYS B 100 2.43 -34.53 -11.36
CA LYS B 100 2.57 -35.64 -10.42
C LYS B 100 3.20 -35.19 -9.11
N HIS B 101 3.68 -33.95 -9.08
CA HIS B 101 4.33 -33.41 -7.90
C HIS B 101 3.37 -32.58 -7.06
N MET B 102 2.12 -33.02 -6.98
CA MET B 102 1.12 -32.22 -6.27
C MET B 102 1.01 -32.54 -4.79
N PRO B 103 1.17 -31.50 -3.98
CA PRO B 103 1.24 -31.63 -2.53
C PRO B 103 0.23 -32.60 -1.96
N LYS B 104 0.63 -33.34 -0.93
CA LYS B 104 -0.28 -34.24 -0.28
C LYS B 104 -1.12 -33.43 0.68
N LEU B 105 -2.20 -34.03 1.16
CA LEU B 105 -3.11 -33.35 2.08
C LEU B 105 -2.40 -32.63 3.24
N ASP B 106 -1.26 -33.17 3.67
CA ASP B 106 -0.56 -32.60 4.82
C ASP B 106 0.72 -31.85 4.49
N GLN B 107 0.91 -31.48 3.23
CA GLN B 107 2.11 -30.74 2.84
C GLN B 107 1.80 -29.27 2.57
N LEU B 108 0.58 -28.87 2.91
CA LEU B 108 0.13 -27.49 2.76
C LEU B 108 -0.55 -27.02 4.03
N PRO B 109 0.23 -26.69 5.05
CA PRO B 109 -0.34 -26.22 6.32
C PRO B 109 -1.34 -25.10 6.04
N ILE B 110 -2.31 -24.94 6.91
CA ILE B 110 -3.35 -23.94 6.73
C ILE B 110 -3.43 -23.07 7.98
N LYS B 111 -3.60 -21.77 7.78
CA LYS B 111 -3.60 -20.82 8.90
C LYS B 111 -4.94 -20.66 9.59
N GLY B 112 -5.95 -21.40 9.14
CA GLY B 112 -7.26 -21.34 9.76
C GLY B 112 -8.29 -20.50 9.03
N ASP B 113 -9.42 -20.26 9.68
CA ASP B 113 -10.49 -19.47 9.09
C ASP B 113 -10.30 -17.98 9.38
N THR B 114 -11.00 -17.14 8.64
CA THR B 114 -10.94 -15.70 8.86
C THR B 114 -12.26 -15.21 9.46
N ILE B 115 -12.21 -14.79 10.71
CA ILE B 115 -13.42 -14.36 11.43
C ILE B 115 -13.36 -12.92 11.91
N ILE B 116 -14.21 -12.07 11.34
CA ILE B 116 -14.32 -10.69 11.77
C ILE B 116 -15.58 -10.57 12.62
N GLY B 117 -15.46 -9.94 13.78
CA GLY B 117 -16.55 -9.84 14.72
C GLY B 117 -17.67 -8.85 14.40
N ASN B 118 -18.41 -8.48 15.42
CA ASN B 118 -19.53 -7.53 15.28
C ASN B 118 -19.11 -6.10 15.61
N ASP B 119 -19.76 -5.14 14.95
CA ASP B 119 -19.52 -3.72 15.18
C ASP B 119 -18.08 -3.26 14.93
N VAL B 120 -17.45 -3.79 13.88
CA VAL B 120 -16.07 -3.41 13.60
C VAL B 120 -15.90 -2.48 12.39
N TRP B 121 -15.01 -1.52 12.53
CA TRP B 121 -14.75 -0.53 11.48
C TRP B 121 -13.38 -0.77 10.84
N ILE B 122 -13.39 -1.14 9.57
CA ILE B 122 -12.15 -1.37 8.85
C ILE B 122 -11.90 -0.24 7.86
N GLY B 123 -10.75 0.42 8.02
CA GLY B 123 -10.39 1.55 7.18
C GLY B 123 -10.16 1.26 5.72
N LYS B 124 -9.95 2.32 4.95
CA LYS B 124 -9.73 2.25 3.51
C LYS B 124 -8.44 1.53 3.12
N ASP B 125 -8.52 0.72 2.07
CA ASP B 125 -7.36 0.00 1.52
C ASP B 125 -6.65 -0.96 2.48
N VAL B 126 -7.36 -1.40 3.52
CA VAL B 126 -6.79 -2.35 4.47
C VAL B 126 -6.73 -3.76 3.88
N VAL B 127 -5.63 -4.47 4.14
CA VAL B 127 -5.47 -5.83 3.67
C VAL B 127 -5.48 -6.83 4.83
N ILE B 128 -6.29 -7.88 4.71
CA ILE B 128 -6.40 -8.90 5.75
C ILE B 128 -5.75 -10.22 5.32
N MET B 129 -4.71 -10.63 6.02
CA MET B 129 -4.02 -11.88 5.70
C MET B 129 -4.76 -13.10 6.27
N PRO B 130 -4.47 -14.28 5.74
CA PRO B 130 -5.16 -15.52 6.11
C PRO B 130 -5.13 -15.91 7.58
N GLY B 131 -6.27 -16.39 8.09
CA GLY B 131 -6.37 -16.89 9.44
C GLY B 131 -6.55 -15.92 10.59
N VAL B 132 -6.60 -14.62 10.30
CA VAL B 132 -6.73 -13.64 11.37
C VAL B 132 -8.12 -13.56 12.00
N LYS B 133 -8.15 -13.19 13.27
CA LYS B 133 -9.39 -13.02 14.01
C LYS B 133 -9.48 -11.61 14.58
N ILE B 134 -10.58 -10.93 14.33
CA ILE B 134 -10.78 -9.57 14.85
C ILE B 134 -11.98 -9.52 15.77
N GLY B 135 -11.76 -9.20 17.04
CA GLY B 135 -12.82 -9.16 18.02
C GLY B 135 -13.81 -8.02 17.83
N ASP B 136 -14.96 -8.13 18.50
CA ASP B 136 -16.02 -7.12 18.43
C ASP B 136 -15.50 -5.72 18.73
N GLY B 137 -16.15 -4.72 18.15
CA GLY B 137 -15.84 -3.32 18.40
C GLY B 137 -14.42 -2.86 18.15
N ALA B 138 -13.69 -3.59 17.30
CA ALA B 138 -12.31 -3.21 17.00
C ALA B 138 -12.23 -2.26 15.82
N ILE B 139 -11.27 -1.34 15.87
CA ILE B 139 -11.07 -0.38 14.79
C ILE B 139 -9.72 -0.59 14.12
N VAL B 140 -9.75 -0.76 12.80
CA VAL B 140 -8.51 -0.96 12.04
C VAL B 140 -8.20 0.25 11.18
N ALA B 141 -7.05 0.88 11.43
CA ALA B 141 -6.64 2.07 10.69
C ALA B 141 -6.51 1.79 9.19
N ALA B 142 -6.77 2.79 8.37
CA ALA B 142 -6.67 2.66 6.93
C ALA B 142 -5.25 2.31 6.49
N ASN B 143 -5.15 1.54 5.40
CA ASN B 143 -3.86 1.14 4.84
C ASN B 143 -3.09 0.11 5.66
N SER B 144 -3.72 -0.42 6.70
CA SER B 144 -3.09 -1.41 7.56
C SER B 144 -2.95 -2.76 6.86
N VAL B 145 -2.01 -3.56 7.33
CA VAL B 145 -1.82 -4.92 6.83
C VAL B 145 -1.80 -5.84 8.04
N VAL B 146 -2.95 -6.45 8.31
CA VAL B 146 -3.16 -7.29 9.49
C VAL B 146 -2.67 -8.73 9.31
N VAL B 147 -1.65 -9.11 10.07
CA VAL B 147 -1.12 -10.47 9.99
C VAL B 147 -1.45 -11.30 11.24
N LYS B 148 -1.65 -10.62 12.37
CA LYS B 148 -1.99 -11.30 13.62
C LYS B 148 -3.33 -10.83 14.18
N ASP B 149 -3.91 -11.63 15.07
CA ASP B 149 -5.22 -11.33 15.64
C ASP B 149 -5.30 -9.98 16.33
N ILE B 150 -6.51 -9.47 16.47
CA ILE B 150 -6.76 -8.21 17.16
C ILE B 150 -7.85 -8.45 18.19
N ALA B 151 -7.61 -8.03 19.43
CA ALA B 151 -8.55 -8.22 20.52
C ALA B 151 -9.77 -7.31 20.41
N PRO B 152 -10.83 -7.63 21.15
CA PRO B 152 -12.06 -6.83 21.15
C PRO B 152 -11.83 -5.38 21.59
N TYR B 153 -12.52 -4.46 20.93
CA TYR B 153 -12.44 -3.04 21.24
C TYR B 153 -11.03 -2.48 21.35
N MET B 154 -10.17 -2.87 20.41
CA MET B 154 -8.81 -2.38 20.36
C MET B 154 -8.60 -1.59 19.07
N LEU B 155 -7.63 -0.68 19.08
CA LEU B 155 -7.31 0.11 17.90
C LEU B 155 -5.95 -0.34 17.36
N ALA B 156 -5.94 -0.77 16.10
CA ALA B 156 -4.70 -1.26 15.49
C ALA B 156 -4.45 -0.65 14.13
N GLY B 157 -3.17 -0.47 13.80
CA GLY B 157 -2.76 0.08 12.52
C GLY B 157 -1.31 -0.24 12.21
N GLY B 158 -0.90 0.02 10.97
CA GLY B 158 0.48 -0.22 10.57
C GLY B 158 0.67 -1.43 9.67
N ASN B 159 1.91 -1.66 9.27
CA ASN B 159 2.25 -2.78 8.40
C ASN B 159 3.61 -3.38 8.76
N PRO B 160 3.62 -4.48 9.52
CA PRO B 160 2.39 -5.13 10.00
C PRO B 160 1.65 -4.33 11.07
N ALA B 161 0.34 -4.55 11.17
CA ALA B 161 -0.49 -3.83 12.13
C ALA B 161 -0.21 -4.22 13.59
N ASN B 162 -0.26 -3.22 14.47
CA ASN B 162 -0.04 -3.43 15.89
C ASN B 162 -1.13 -2.76 16.72
N GLU B 163 -1.48 -3.38 17.84
CA GLU B 163 -2.50 -2.80 18.73
C GLU B 163 -1.95 -1.52 19.36
N ILE B 164 -2.65 -0.41 19.14
CA ILE B 164 -2.21 0.90 19.60
C ILE B 164 -2.86 1.34 20.90
N LYS B 165 -4.17 1.13 21.01
CA LYS B 165 -4.89 1.59 22.20
C LYS B 165 -6.17 0.82 22.49
N GLN B 166 -6.52 0.75 23.77
CA GLN B 166 -7.77 0.12 24.21
C GLN B 166 -8.83 1.21 24.28
N ARG B 167 -9.87 1.07 23.48
CA ARG B 167 -10.93 2.08 23.38
C ARG B 167 -11.55 2.48 24.71
N PHE B 168 -11.84 1.50 25.56
CA PHE B 168 -12.44 1.77 26.87
C PHE B 168 -11.74 0.95 27.95
N ASP B 169 -12.22 1.05 29.18
CA ASP B 169 -11.65 0.27 30.27
C ASP B 169 -12.20 -1.16 30.25
N GLN B 170 -11.55 -2.07 30.97
CA GLN B 170 -11.96 -3.47 30.98
C GLN B 170 -13.42 -3.70 31.32
N ASP B 171 -13.86 -3.16 32.45
CA ASP B 171 -15.24 -3.34 32.90
C ASP B 171 -16.23 -3.01 31.78
N THR B 172 -15.99 -1.91 31.09
CA THR B 172 -16.88 -1.49 30.00
C THR B 172 -16.91 -2.56 28.91
N ILE B 173 -15.74 -2.95 28.44
CA ILE B 173 -15.63 -3.99 27.42
C ILE B 173 -16.34 -5.25 27.88
N ASN B 174 -16.06 -5.66 29.12
CA ASN B 174 -16.69 -6.84 29.68
C ASN B 174 -18.20 -6.76 29.64
N GLN B 175 -18.74 -5.60 29.98
CA GLN B 175 -20.18 -5.38 29.96
C GLN B 175 -20.72 -5.43 28.53
N LEU B 176 -20.04 -4.74 27.62
CA LEU B 176 -20.45 -4.69 26.22
C LEU B 176 -20.48 -6.07 25.57
N LEU B 177 -19.45 -6.87 25.83
CA LEU B 177 -19.37 -8.21 25.27
C LEU B 177 -20.41 -9.14 25.85
N ASP B 178 -21.02 -8.72 26.95
CA ASP B 178 -22.01 -9.53 27.65
C ASP B 178 -23.44 -9.25 27.17
N ILE B 179 -23.74 -8.00 26.83
CA ILE B 179 -25.09 -7.66 26.39
C ILE B 179 -25.33 -7.88 24.90
N LYS B 180 -24.30 -7.70 24.10
CA LYS B 180 -24.40 -7.90 22.65
C LYS B 180 -25.63 -7.23 22.07
N TRP B 181 -25.64 -5.90 22.05
CA TRP B 181 -26.79 -5.16 21.52
C TRP B 181 -27.11 -5.54 20.09
N TRP B 182 -26.11 -6.00 19.35
CA TRP B 182 -26.28 -6.37 17.95
C TRP B 182 -27.16 -7.61 17.74
N ASN B 183 -27.49 -8.32 18.81
CA ASN B 183 -28.33 -9.51 18.70
C ASN B 183 -29.78 -9.26 19.12
N TRP B 184 -30.09 -8.02 19.49
CA TRP B 184 -31.44 -7.64 19.88
C TRP B 184 -32.34 -7.50 18.64
N PRO B 185 -33.65 -7.63 18.83
CA PRO B 185 -34.60 -7.45 17.74
C PRO B 185 -34.52 -6.00 17.23
N ILE B 186 -34.53 -5.82 15.91
CA ILE B 186 -34.39 -4.49 15.31
C ILE B 186 -35.23 -3.40 15.98
N ASP B 187 -36.43 -3.76 16.43
CA ASP B 187 -37.32 -2.81 17.08
C ASP B 187 -36.72 -2.28 18.38
N ILE B 188 -36.15 -3.18 19.18
CA ILE B 188 -35.56 -2.80 20.46
C ILE B 188 -34.29 -1.97 20.26
N ILE B 189 -33.58 -2.25 19.17
CA ILE B 189 -32.38 -1.49 18.83
C ILE B 189 -32.75 -0.04 18.54
N ASN B 190 -33.78 0.15 17.72
CA ASN B 190 -34.25 1.47 17.34
C ASN B 190 -34.53 2.41 18.52
N GLU B 191 -34.95 1.83 19.64
CA GLU B 191 -35.27 2.62 20.83
C GLU B 191 -34.06 2.83 21.73
N ASN B 192 -32.88 2.46 21.26
CA ASN B 192 -31.66 2.60 22.05
C ASN B 192 -30.46 3.07 21.23
N ILE B 193 -30.69 3.38 19.96
CA ILE B 193 -29.60 3.81 19.08
C ILE B 193 -28.73 4.90 19.71
N ASP B 194 -29.38 5.90 20.31
CA ASP B 194 -28.66 7.00 20.95
C ASP B 194 -27.87 6.49 22.16
N LYS B 195 -28.43 5.52 22.87
CA LYS B 195 -27.76 4.95 24.04
C LYS B 195 -26.58 4.11 23.59
N ILE B 196 -26.71 3.50 22.42
CA ILE B 196 -25.64 2.68 21.87
C ILE B 196 -24.52 3.57 21.36
N LEU B 197 -24.89 4.72 20.81
CA LEU B 197 -23.92 5.67 20.26
C LEU B 197 -23.01 6.32 21.31
N ASP B 198 -23.49 6.46 22.54
CA ASP B 198 -22.70 7.09 23.58
C ASP B 198 -22.28 6.16 24.71
N ASN B 199 -22.40 4.85 24.48
CA ASN B 199 -22.00 3.85 25.46
C ASN B 199 -22.80 3.83 26.77
N SER B 200 -23.91 4.56 26.82
CA SER B 200 -24.73 4.62 28.02
C SER B 200 -25.62 3.39 28.19
N ILE B 201 -25.57 2.49 27.21
CA ILE B 201 -26.41 1.29 27.24
C ILE B 201 -25.91 0.25 28.23
N ILE B 202 -24.73 0.48 28.79
CA ILE B 202 -24.16 -0.43 29.77
C ILE B 202 -24.76 -0.19 31.16
N ARG B 203 -25.45 0.94 31.32
CA ARG B 203 -26.04 1.31 32.60
C ARG B 203 -27.57 1.26 32.59
N GLU B 204 -28.13 0.23 31.94
CA GLU B 204 -29.58 0.09 31.88
C GLU B 204 -30.06 -1.10 32.71
N MET C 1 10.80 -33.74 -19.83
CA MET C 1 9.51 -33.54 -19.12
C MET C 1 9.41 -32.14 -18.52
N GLY C 2 8.22 -31.55 -18.59
CA GLY C 2 8.00 -30.23 -18.04
C GLY C 2 7.69 -29.19 -19.11
N PRO C 3 7.28 -28.00 -18.66
CA PRO C 3 6.95 -26.89 -19.55
C PRO C 3 8.17 -26.41 -20.36
N ASN C 4 7.91 -25.77 -21.48
CA ASN C 4 8.98 -25.23 -22.31
C ASN C 4 9.46 -23.90 -21.71
N PRO C 5 10.70 -23.88 -21.24
CA PRO C 5 11.28 -22.71 -20.58
C PRO C 5 11.25 -21.43 -21.41
N MET C 6 10.97 -21.53 -22.70
CA MET C 6 11.00 -20.35 -23.56
C MET C 6 9.68 -20.01 -24.24
N LYS C 7 8.58 -20.50 -23.67
CA LYS C 7 7.25 -20.17 -24.17
C LYS C 7 6.70 -19.02 -23.32
N MET C 8 6.14 -18.01 -23.99
CA MET C 8 5.60 -16.85 -23.30
C MET C 8 4.54 -17.25 -22.27
N TYR C 9 3.68 -18.19 -22.66
CA TYR C 9 2.61 -18.68 -21.79
C TYR C 9 2.67 -20.20 -21.73
N PRO C 10 3.47 -20.72 -20.81
CA PRO C 10 3.71 -22.16 -20.65
C PRO C 10 2.49 -23.02 -20.31
N ILE C 11 1.41 -22.41 -19.84
CA ILE C 11 0.23 -23.18 -19.46
C ILE C 11 -0.98 -22.94 -20.36
N GLU C 12 -1.33 -23.94 -21.17
CA GLU C 12 -2.50 -23.84 -22.03
C GLU C 12 -3.76 -23.70 -21.17
N GLY C 13 -4.49 -22.63 -21.38
CA GLY C 13 -5.70 -22.38 -20.61
C GLY C 13 -5.45 -21.48 -19.42
N ASN C 14 -4.37 -20.72 -19.49
CA ASN C 14 -4.03 -19.77 -18.43
C ASN C 14 -3.25 -18.58 -18.96
N LYS C 15 -3.97 -17.54 -19.37
CA LYS C 15 -3.34 -16.35 -19.92
C LYS C 15 -2.85 -15.39 -18.83
N SER C 16 -2.53 -15.94 -17.66
CA SER C 16 -2.04 -15.13 -16.55
C SER C 16 -0.58 -15.45 -16.22
N VAL C 17 -0.25 -16.73 -16.21
CA VAL C 17 1.12 -17.15 -15.89
C VAL C 17 2.02 -16.96 -17.10
N GLN C 18 3.11 -16.22 -16.90
CA GLN C 18 4.05 -15.94 -17.97
C GLN C 18 5.47 -16.24 -17.54
N PHE C 19 6.28 -16.74 -18.47
CA PHE C 19 7.70 -16.94 -18.22
C PHE C 19 8.39 -15.61 -18.52
N ILE C 20 9.05 -15.05 -17.52
CA ILE C 20 9.68 -13.74 -17.63
C ILE C 20 10.81 -13.62 -18.66
N LYS C 21 11.67 -14.63 -18.72
CA LYS C 21 12.81 -14.59 -19.64
C LYS C 21 12.40 -14.26 -21.08
N PRO C 22 11.51 -15.05 -21.67
CA PRO C 22 11.07 -14.80 -23.04
C PRO C 22 10.46 -13.41 -23.19
N ILE C 23 9.74 -12.97 -22.17
CA ILE C 23 9.10 -11.65 -22.17
C ILE C 23 10.12 -10.51 -22.14
N LEU C 24 11.12 -10.62 -21.26
CA LEU C 24 12.08 -9.54 -21.06
C LEU C 24 13.44 -9.71 -21.76
N GLU C 25 13.52 -10.59 -22.74
CA GLU C 25 14.79 -10.79 -23.45
C GLU C 25 15.08 -9.67 -24.44
N LYS C 26 14.12 -8.78 -24.62
CA LYS C 26 14.28 -7.66 -25.55
C LYS C 26 14.80 -6.42 -24.86
N LEU C 27 14.62 -6.37 -23.54
CA LEU C 27 15.02 -5.20 -22.75
C LEU C 27 16.53 -5.04 -22.58
N GLU C 28 16.96 -3.79 -22.53
CA GLU C 28 18.36 -3.45 -22.31
C GLU C 28 18.62 -3.39 -20.82
N ASN C 29 19.74 -3.98 -20.38
CA ASN C 29 20.12 -3.98 -18.97
C ASN C 29 19.21 -4.80 -18.05
N VAL C 30 18.59 -5.84 -18.60
CA VAL C 30 17.75 -6.73 -17.82
C VAL C 30 18.15 -8.18 -18.09
N GLU C 31 18.63 -8.84 -17.05
CA GLU C 31 19.11 -10.22 -17.15
C GLU C 31 18.21 -11.14 -16.32
N VAL C 32 17.48 -12.02 -16.99
CA VAL C 32 16.53 -12.88 -16.29
C VAL C 32 16.79 -14.39 -16.48
N GLY C 33 16.59 -15.15 -15.41
CA GLY C 33 16.80 -16.59 -15.43
C GLY C 33 15.60 -17.36 -15.97
N GLU C 34 15.78 -18.67 -16.14
CA GLU C 34 14.72 -19.52 -16.68
C GLU C 34 13.77 -20.02 -15.62
N TYR C 35 12.58 -20.40 -16.06
CA TYR C 35 11.54 -20.95 -15.18
C TYR C 35 10.92 -19.94 -14.20
N SER C 36 11.55 -18.78 -14.06
CA SER C 36 10.99 -17.73 -13.22
C SER C 36 9.71 -17.23 -13.89
N TYR C 37 8.66 -16.99 -13.10
CA TYR C 37 7.39 -16.61 -13.70
C TYR C 37 6.70 -15.43 -13.02
N TYR C 38 5.68 -14.90 -13.71
CA TYR C 38 4.90 -13.77 -13.20
C TYR C 38 3.40 -14.09 -13.29
N ASP C 39 2.67 -13.78 -12.22
CA ASP C 39 1.24 -14.01 -12.16
C ASP C 39 0.53 -12.68 -12.44
N SER C 40 0.10 -12.48 -13.68
CA SER C 40 -0.53 -11.22 -14.09
C SER C 40 -1.72 -10.80 -13.23
N LYS C 41 -1.80 -9.50 -12.96
CA LYS C 41 -2.87 -8.94 -12.15
C LYS C 41 -4.14 -8.71 -12.97
N ASN C 42 -3.97 -8.17 -14.18
CA ASN C 42 -5.11 -7.86 -15.05
C ASN C 42 -4.86 -8.17 -16.52
N GLY C 43 -3.76 -8.86 -16.81
CA GLY C 43 -3.41 -9.20 -18.18
C GLY C 43 -2.14 -8.55 -18.66
N GLU C 44 -1.62 -7.60 -17.88
CA GLU C 44 -0.39 -6.89 -18.24
C GLU C 44 0.82 -7.82 -18.20
N THR C 45 1.82 -7.52 -19.03
CA THR C 45 3.05 -8.30 -19.06
C THR C 45 4.12 -7.66 -18.17
N PHE C 46 4.89 -8.50 -17.48
CA PHE C 46 5.87 -8.05 -16.50
C PHE C 46 6.71 -6.81 -16.86
N ASP C 47 6.89 -6.54 -18.14
CA ASP C 47 7.68 -5.38 -18.54
C ASP C 47 7.07 -4.08 -18.05
N LYS C 48 5.75 -4.05 -17.95
CA LYS C 48 5.05 -2.86 -17.48
C LYS C 48 5.27 -2.64 -16.00
N GLN C 49 5.89 -3.61 -15.35
CA GLN C 49 6.15 -3.55 -13.91
C GLN C 49 7.52 -2.94 -13.56
N ILE C 50 8.39 -2.83 -14.56
CA ILE C 50 9.72 -2.23 -14.33
C ILE C 50 9.65 -0.72 -14.55
N LEU C 51 9.80 0.04 -13.48
CA LEU C 51 9.66 1.50 -13.57
C LEU C 51 10.96 2.28 -13.39
N TYR C 52 11.01 3.44 -14.05
CA TYR C 52 12.15 4.36 -13.97
C TYR C 52 13.48 3.75 -14.35
N HIS C 53 13.49 2.94 -15.41
CA HIS C 53 14.73 2.31 -15.88
C HIS C 53 15.23 2.99 -17.15
N TYR C 54 16.30 3.76 -17.02
CA TYR C 54 16.85 4.50 -18.15
C TYR C 54 18.28 4.07 -18.48
N PRO C 55 18.53 3.86 -19.77
CA PRO C 55 19.85 3.45 -20.26
C PRO C 55 20.97 4.41 -19.86
N ILE C 56 20.66 5.70 -19.79
CA ILE C 56 21.64 6.72 -19.45
C ILE C 56 22.20 6.58 -18.03
N LEU C 57 21.44 5.94 -17.14
CA LEU C 57 21.87 5.79 -15.75
C LEU C 57 22.74 4.56 -15.51
N ASN C 58 22.76 3.65 -16.48
CA ASN C 58 23.62 2.46 -16.44
C ASN C 58 23.34 1.46 -15.32
N ASP C 59 22.19 1.58 -14.66
CA ASP C 59 21.85 0.61 -13.61
C ASP C 59 21.21 -0.63 -14.24
N LYS C 60 21.56 -1.80 -13.74
CA LYS C 60 21.06 -3.05 -14.31
C LYS C 60 20.17 -3.86 -13.36
N LEU C 61 19.25 -4.62 -13.93
CA LEU C 61 18.34 -5.47 -13.16
C LEU C 61 18.64 -6.94 -13.42
N LYS C 62 18.86 -7.71 -12.35
CA LYS C 62 19.14 -9.13 -12.48
C LYS C 62 18.20 -9.98 -11.64
N ILE C 63 17.58 -10.97 -12.26
CA ILE C 63 16.68 -11.88 -11.58
C ILE C 63 17.13 -13.32 -11.84
N GLY C 64 17.16 -14.14 -10.79
CA GLY C 64 17.61 -15.51 -10.91
C GLY C 64 16.64 -16.48 -11.57
N LYS C 65 16.84 -17.77 -11.32
CA LYS C 65 16.00 -18.81 -11.90
C LYS C 65 15.02 -19.36 -10.87
N PHE C 66 13.96 -19.99 -11.36
CA PHE C 66 12.95 -20.61 -10.52
C PHE C 66 12.37 -19.68 -9.46
N CYS C 67 12.03 -18.47 -9.87
CA CYS C 67 11.43 -17.49 -8.96
C CYS C 67 9.92 -17.42 -9.14
N SER C 68 9.22 -17.04 -8.07
CA SER C 68 7.78 -16.91 -8.12
C SER C 68 7.39 -15.48 -7.79
N ILE C 69 6.92 -14.74 -8.79
CA ILE C 69 6.56 -13.34 -8.60
C ILE C 69 5.05 -13.13 -8.59
N GLY C 70 4.54 -12.65 -7.45
CA GLY C 70 3.12 -12.41 -7.30
C GLY C 70 2.62 -11.25 -8.13
N PRO C 71 1.31 -11.20 -8.34
CA PRO C 71 0.67 -10.12 -9.11
C PRO C 71 0.88 -8.74 -8.49
N GLY C 72 1.07 -7.74 -9.34
CA GLY C 72 1.20 -6.36 -8.88
C GLY C 72 2.56 -5.95 -8.34
N VAL C 73 3.51 -6.87 -8.35
CA VAL C 73 4.86 -6.56 -7.89
C VAL C 73 5.52 -5.54 -8.80
N THR C 74 6.08 -4.48 -8.22
CA THR C 74 6.77 -3.47 -9.01
C THR C 74 8.22 -3.30 -8.55
N ILE C 75 9.09 -3.02 -9.52
CA ILE C 75 10.51 -2.81 -9.25
C ILE C 75 10.90 -1.40 -9.65
N ILE C 76 11.32 -0.60 -8.68
CA ILE C 76 11.71 0.79 -8.94
C ILE C 76 13.21 0.93 -9.17
N MET C 77 13.59 1.44 -10.34
CA MET C 77 15.00 1.65 -10.65
C MET C 77 15.44 3.06 -10.25
N ASN C 78 16.69 3.41 -10.56
CA ASN C 78 17.26 4.69 -10.14
C ASN C 78 16.71 5.95 -10.80
N GLY C 79 15.83 5.79 -11.79
CA GLY C 79 15.28 6.93 -12.49
C GLY C 79 14.39 7.85 -11.68
N ALA C 80 14.03 7.43 -10.48
CA ALA C 80 13.13 8.21 -9.63
C ALA C 80 13.85 9.18 -8.69
N ASN C 81 15.16 9.02 -8.54
CA ASN C 81 15.93 9.87 -7.63
C ASN C 81 16.06 11.33 -8.07
N HIS C 82 15.78 12.25 -7.16
CA HIS C 82 15.93 13.67 -7.43
C HIS C 82 17.31 14.10 -6.91
N ARG C 83 17.74 15.31 -7.29
CA ARG C 83 18.99 15.84 -6.76
C ARG C 83 18.78 16.12 -5.28
N MET C 84 19.78 15.83 -4.46
CA MET C 84 19.60 15.93 -3.00
C MET C 84 20.51 16.90 -2.26
N ASP C 85 21.54 17.43 -2.92
CA ASP C 85 22.48 18.32 -2.21
C ASP C 85 21.94 19.73 -1.96
N GLY C 86 20.74 20.00 -2.46
CA GLY C 86 20.09 21.29 -2.26
C GLY C 86 18.59 21.11 -2.38
N SER C 87 17.94 21.98 -3.15
CA SER C 87 16.51 21.87 -3.38
C SER C 87 16.22 20.65 -4.26
N THR C 88 15.13 19.95 -3.99
CA THR C 88 14.78 18.76 -4.74
C THR C 88 13.94 19.07 -5.98
N TYR C 89 13.81 20.36 -6.29
CA TYR C 89 13.01 20.80 -7.44
C TYR C 89 13.75 20.59 -8.75
N PRO C 90 13.07 19.93 -9.70
N PRO C 90 13.10 19.87 -9.68
CA PRO C 90 13.65 19.60 -11.00
CA PRO C 90 13.68 19.60 -11.00
C PRO C 90 13.50 20.74 -12.00
C PRO C 90 13.48 20.75 -11.99
N PHE C 91 14.14 21.87 -11.74
CA PHE C 91 14.05 23.03 -12.62
C PHE C 91 14.23 22.63 -14.08
N ASN C 92 15.41 22.12 -14.38
CA ASN C 92 15.79 21.66 -15.72
C ASN C 92 14.67 21.07 -16.57
N LEU C 93 13.72 20.42 -15.89
CA LEU C 93 12.67 19.67 -16.57
C LEU C 93 11.55 20.53 -17.16
N PHE C 94 11.55 21.82 -16.87
CA PHE C 94 10.48 22.69 -17.32
C PHE C 94 10.78 23.51 -18.58
N GLY C 95 12.05 23.56 -18.96
CA GLY C 95 12.45 24.28 -20.17
C GLY C 95 12.61 25.77 -19.98
N ASN C 96 12.25 26.54 -21.01
CA ASN C 96 12.35 27.99 -20.96
C ASN C 96 13.64 28.50 -20.31
N GLY C 97 14.77 27.99 -20.77
CA GLY C 97 16.06 28.43 -20.25
C GLY C 97 16.52 27.66 -19.03
N TRP C 98 15.60 26.98 -18.35
CA TRP C 98 15.94 26.22 -17.16
C TRP C 98 16.72 24.95 -17.48
N GLU C 99 16.68 24.53 -18.74
CA GLU C 99 17.37 23.33 -19.18
C GLU C 99 18.88 23.41 -18.92
N LYS C 100 19.39 24.62 -18.75
CA LYS C 100 20.81 24.82 -18.47
C LYS C 100 21.16 24.30 -17.07
N HIS C 101 20.15 24.19 -16.22
CA HIS C 101 20.36 23.73 -14.85
C HIS C 101 20.26 22.21 -14.74
N MET C 102 20.59 21.53 -15.83
CA MET C 102 20.55 20.08 -15.84
C MET C 102 21.75 19.51 -15.08
N PRO C 103 21.48 18.59 -14.16
CA PRO C 103 22.54 17.99 -13.33
C PRO C 103 23.44 17.07 -14.15
N LYS C 104 24.69 16.98 -13.74
CA LYS C 104 25.61 16.05 -14.37
C LYS C 104 25.29 14.69 -13.77
N LEU C 105 25.88 13.64 -14.31
CA LEU C 105 25.63 12.30 -13.78
C LEU C 105 26.27 12.13 -12.42
N ASP C 106 27.29 12.95 -12.16
CA ASP C 106 28.02 12.90 -10.89
C ASP C 106 27.23 13.49 -9.74
N GLN C 107 26.18 14.25 -10.08
CA GLN C 107 25.37 14.92 -9.06
C GLN C 107 24.06 14.20 -8.76
N LEU C 108 23.92 12.98 -9.29
CA LEU C 108 22.75 12.17 -9.03
C LEU C 108 23.12 10.96 -8.20
N PRO C 109 22.34 10.69 -7.15
CA PRO C 109 22.60 9.53 -6.29
C PRO C 109 22.43 8.25 -7.08
N ILE C 110 23.36 7.32 -6.89
CA ILE C 110 23.27 6.03 -7.57
C ILE C 110 23.29 4.93 -6.50
N LYS C 111 22.18 4.24 -6.36
CA LYS C 111 22.05 3.22 -5.32
C LYS C 111 22.53 1.84 -5.76
N GLY C 112 22.96 1.73 -7.02
CA GLY C 112 23.48 0.46 -7.53
C GLY C 112 22.47 -0.37 -8.28
N ASP C 113 22.86 -1.60 -8.62
CA ASP C 113 21.99 -2.52 -9.34
C ASP C 113 20.97 -3.19 -8.43
N THR C 114 19.91 -3.73 -9.03
CA THR C 114 18.90 -4.49 -8.31
C THR C 114 19.10 -5.96 -8.64
N ILE C 115 19.39 -6.78 -7.63
CA ILE C 115 19.66 -8.19 -7.85
C ILE C 115 18.75 -9.14 -7.06
N ILE C 116 17.96 -9.93 -7.79
CA ILE C 116 17.11 -10.95 -7.17
C ILE C 116 17.76 -12.31 -7.42
N GLY C 117 17.95 -13.08 -6.36
CA GLY C 117 18.60 -14.38 -6.47
C GLY C 117 17.74 -15.48 -7.08
N ASN C 118 18.11 -16.73 -6.79
CA ASN C 118 17.37 -17.89 -7.29
C ASN C 118 16.37 -18.43 -6.28
N ASP C 119 15.29 -19.04 -6.79
CA ASP C 119 14.28 -19.68 -5.95
C ASP C 119 13.62 -18.73 -4.96
N VAL C 120 13.35 -17.51 -5.40
CA VAL C 120 12.76 -16.49 -4.53
C VAL C 120 11.26 -16.33 -4.74
N TRP C 121 10.53 -16.19 -3.64
CA TRP C 121 9.08 -16.02 -3.69
C TRP C 121 8.69 -14.60 -3.23
N ILE C 122 8.20 -13.80 -4.17
CA ILE C 122 7.77 -12.43 -3.88
C ILE C 122 6.25 -12.34 -3.83
N GLY C 123 5.71 -11.94 -2.67
CA GLY C 123 4.28 -11.82 -2.48
C GLY C 123 3.61 -10.77 -3.33
N LYS C 124 2.28 -10.78 -3.34
CA LYS C 124 1.47 -9.86 -4.13
C LYS C 124 1.60 -8.39 -3.71
N ASP C 125 1.71 -7.52 -4.72
CA ASP C 125 1.79 -6.06 -4.54
C ASP C 125 3.01 -5.56 -3.77
N VAL C 126 4.11 -6.31 -3.84
CA VAL C 126 5.34 -5.90 -3.18
C VAL C 126 6.09 -4.86 -4.01
N VAL C 127 6.64 -3.85 -3.34
CA VAL C 127 7.41 -2.82 -4.03
C VAL C 127 8.89 -2.94 -3.67
N ILE C 128 9.75 -2.97 -4.69
CA ILE C 128 11.19 -3.09 -4.50
C ILE C 128 11.88 -1.75 -4.78
N MET C 129 12.64 -1.26 -3.80
CA MET C 129 13.37 0.00 -3.96
C MET C 129 14.71 -0.20 -4.67
N PRO C 130 15.24 0.87 -5.26
CA PRO C 130 16.49 0.79 -6.04
C PRO C 130 17.72 0.32 -5.27
N GLY C 131 18.56 -0.45 -5.93
CA GLY C 131 19.81 -0.94 -5.36
C GLY C 131 19.70 -2.08 -4.36
N VAL C 132 18.53 -2.70 -4.29
CA VAL C 132 18.30 -3.79 -3.34
C VAL C 132 18.80 -5.15 -3.81
N LYS C 133 19.33 -5.93 -2.87
CA LYS C 133 19.78 -7.30 -3.16
C LYS C 133 19.02 -8.31 -2.32
N ILE C 134 18.49 -9.34 -2.96
CA ILE C 134 17.75 -10.39 -2.25
C ILE C 134 18.41 -11.75 -2.47
N GLY C 135 18.81 -12.39 -1.39
CA GLY C 135 19.50 -13.68 -1.47
C GLY C 135 18.65 -14.84 -1.95
N ASP C 136 19.31 -15.92 -2.32
CA ASP C 136 18.63 -17.11 -2.80
C ASP C 136 17.66 -17.69 -1.76
N GLY C 137 16.59 -18.29 -2.24
CA GLY C 137 15.61 -18.95 -1.38
C GLY C 137 14.89 -18.09 -0.36
N ALA C 138 14.89 -16.78 -0.59
CA ALA C 138 14.22 -15.87 0.35
C ALA C 138 12.72 -15.78 0.08
N ILE C 139 11.97 -15.33 1.09
CA ILE C 139 10.54 -15.15 0.96
C ILE C 139 10.14 -13.76 1.41
N VAL C 140 9.44 -13.03 0.55
CA VAL C 140 9.00 -11.67 0.87
C VAL C 140 7.48 -11.65 1.06
N ALA C 141 7.05 -11.34 2.27
CA ALA C 141 5.63 -11.27 2.58
C ALA C 141 4.94 -10.29 1.64
N ALA C 142 3.68 -10.57 1.30
CA ALA C 142 2.92 -9.70 0.41
C ALA C 142 2.80 -8.28 0.96
N ASN C 143 2.62 -7.32 0.06
CA ASN C 143 2.43 -5.92 0.43
C ASN C 143 3.64 -5.28 1.13
N SER C 144 4.81 -5.87 0.95
CA SER C 144 6.00 -5.37 1.59
C SER C 144 6.67 -4.29 0.74
N VAL C 145 7.41 -3.40 1.41
CA VAL C 145 8.19 -2.38 0.74
C VAL C 145 9.64 -2.60 1.17
N VAL C 146 10.44 -3.14 0.26
CA VAL C 146 11.83 -3.49 0.55
C VAL C 146 12.79 -2.35 0.25
N VAL C 147 13.44 -1.84 1.29
CA VAL C 147 14.39 -0.73 1.13
C VAL C 147 15.82 -1.15 1.45
N LYS C 148 15.99 -2.28 2.12
CA LYS C 148 17.32 -2.77 2.47
C LYS C 148 17.50 -4.22 2.05
N ASP C 149 18.74 -4.66 1.95
CA ASP C 149 19.06 -6.02 1.54
C ASP C 149 18.41 -7.08 2.42
N ILE C 150 18.15 -8.24 1.81
CA ILE C 150 17.58 -9.38 2.52
C ILE C 150 18.48 -10.60 2.33
N ALA C 151 18.91 -11.18 3.44
CA ALA C 151 19.80 -12.34 3.41
C ALA C 151 19.14 -13.58 2.79
N PRO C 152 19.95 -14.53 2.36
CA PRO C 152 19.45 -15.77 1.77
C PRO C 152 18.64 -16.62 2.75
N TYR C 153 17.54 -17.20 2.25
CA TYR C 153 16.67 -18.05 3.05
C TYR C 153 16.10 -17.37 4.29
N MET C 154 15.75 -16.10 4.13
CA MET C 154 15.16 -15.32 5.20
C MET C 154 13.73 -14.95 4.83
N LEU C 155 12.87 -14.85 5.84
CA LEU C 155 11.50 -14.43 5.63
C LEU C 155 11.37 -12.99 6.09
N ALA C 156 11.08 -12.09 5.15
CA ALA C 156 10.94 -10.68 5.49
C ALA C 156 9.56 -10.15 5.15
N GLY C 157 9.16 -9.09 5.84
CA GLY C 157 7.86 -8.46 5.60
C GLY C 157 7.77 -7.10 6.25
N GLY C 158 6.75 -6.33 5.87
CA GLY C 158 6.53 -5.02 6.45
C GLY C 158 6.85 -3.87 5.54
N ASN C 159 6.79 -2.66 6.10
CA ASN C 159 7.07 -1.43 5.39
C ASN C 159 7.50 -0.38 6.40
N PRO C 160 8.81 -0.19 6.58
CA PRO C 160 9.84 -0.90 5.82
C PRO C 160 9.89 -2.38 6.13
N ALA C 161 10.35 -3.18 5.17
CA ALA C 161 10.44 -4.62 5.35
C ALA C 161 11.60 -4.98 6.29
N ASN C 162 11.33 -5.88 7.22
CA ASN C 162 12.35 -6.34 8.15
C ASN C 162 12.39 -7.87 8.19
N GLU C 163 13.55 -8.41 8.54
CA GLU C 163 13.72 -9.85 8.62
C GLU C 163 12.91 -10.42 9.77
N ILE C 164 12.16 -11.48 9.50
CA ILE C 164 11.30 -12.09 10.51
C ILE C 164 11.93 -13.34 11.14
N LYS C 165 12.50 -14.21 10.32
CA LYS C 165 13.16 -15.42 10.83
C LYS C 165 13.84 -16.27 9.76
N GLN C 166 14.79 -17.09 10.19
CA GLN C 166 15.50 -18.01 9.30
C GLN C 166 14.63 -19.21 8.97
N ARG C 167 14.51 -19.52 7.67
CA ARG C 167 13.70 -20.65 7.24
C ARG C 167 14.23 -21.98 7.77
N PHE C 168 15.55 -22.11 7.79
CA PHE C 168 16.18 -23.34 8.28
C PHE C 168 17.41 -23.01 9.12
N ASP C 169 18.13 -24.04 9.54
CA ASP C 169 19.33 -23.85 10.34
C ASP C 169 20.49 -23.43 9.45
N GLN C 170 21.50 -22.78 10.03
CA GLN C 170 22.64 -22.27 9.27
C GLN C 170 23.35 -23.32 8.43
N ASP C 171 23.59 -24.50 9.01
CA ASP C 171 24.27 -25.57 8.30
C ASP C 171 23.48 -26.01 7.07
N THR C 172 22.15 -26.00 7.19
CA THR C 172 21.28 -26.37 6.08
C THR C 172 21.38 -25.35 4.95
N ILE C 173 21.39 -24.08 5.33
CA ILE C 173 21.50 -23.00 4.36
C ILE C 173 22.84 -23.09 3.64
N ASN C 174 23.91 -23.27 4.42
CA ASN C 174 25.24 -23.39 3.85
C ASN C 174 25.32 -24.52 2.82
N GLN C 175 24.65 -25.63 3.11
CA GLN C 175 24.63 -26.76 2.19
C GLN C 175 23.87 -26.43 0.91
N LEU C 176 22.67 -25.86 1.07
CA LEU C 176 21.87 -25.48 -0.09
C LEU C 176 22.63 -24.51 -1.00
N LEU C 177 23.30 -23.54 -0.39
CA LEU C 177 24.02 -22.51 -1.13
C LEU C 177 25.13 -23.01 -2.06
N ASP C 178 25.85 -24.05 -1.65
CA ASP C 178 26.93 -24.57 -2.51
C ASP C 178 26.51 -25.80 -3.33
N ILE C 179 25.20 -26.03 -3.40
CA ILE C 179 24.65 -27.12 -4.21
C ILE C 179 24.03 -26.54 -5.47
N LYS C 180 23.27 -25.45 -5.28
CA LYS C 180 22.63 -24.76 -6.39
C LYS C 180 21.93 -25.71 -7.35
N TRP C 181 20.90 -26.39 -6.86
CA TRP C 181 20.16 -27.36 -7.68
C TRP C 181 19.60 -26.71 -8.95
N TRP C 182 19.35 -25.40 -8.88
CA TRP C 182 18.81 -24.67 -10.01
C TRP C 182 19.74 -24.65 -11.23
N ASN C 183 21.02 -24.97 -11.01
CA ASN C 183 21.99 -25.00 -12.09
C ASN C 183 22.17 -26.37 -12.72
N TRP C 184 21.51 -27.37 -12.15
CA TRP C 184 21.59 -28.74 -12.67
C TRP C 184 20.86 -28.85 -14.00
N PRO C 185 21.28 -29.79 -14.84
CA PRO C 185 20.60 -30.02 -16.11
C PRO C 185 19.15 -30.39 -15.85
N ILE C 186 18.24 -29.87 -16.66
CA ILE C 186 16.81 -30.09 -16.46
C ILE C 186 16.41 -31.55 -16.23
N ASP C 187 17.11 -32.48 -16.88
CA ASP C 187 16.79 -33.90 -16.72
C ASP C 187 17.19 -34.45 -15.35
N ILE C 188 18.23 -33.85 -14.75
CA ILE C 188 18.67 -34.26 -13.43
C ILE C 188 17.68 -33.72 -12.39
N ILE C 189 17.23 -32.48 -12.62
CA ILE C 189 16.26 -31.85 -11.73
C ILE C 189 14.99 -32.68 -11.66
N ASN C 190 14.46 -33.07 -12.82
CA ASN C 190 13.24 -33.86 -12.88
C ASN C 190 13.24 -35.11 -11.99
N GLU C 191 14.40 -35.75 -11.88
CA GLU C 191 14.53 -36.96 -11.07
C GLU C 191 14.84 -36.63 -9.60
N ASN C 192 14.72 -35.36 -9.23
CA ASN C 192 15.00 -34.95 -7.86
C ASN C 192 13.98 -33.92 -7.35
N ILE C 193 12.98 -33.61 -8.16
CA ILE C 193 11.98 -32.61 -7.78
C ILE C 193 11.38 -32.84 -6.40
N ASP C 194 11.00 -34.08 -6.10
CA ASP C 194 10.43 -34.41 -4.79
C ASP C 194 11.45 -34.21 -3.68
N LYS C 195 12.73 -34.47 -3.98
CA LYS C 195 13.80 -34.31 -3.01
C LYS C 195 14.12 -32.83 -2.79
N ILE C 196 13.84 -32.02 -3.80
CA ILE C 196 14.07 -30.58 -3.71
C ILE C 196 12.94 -29.92 -2.93
N LEU C 197 11.74 -30.48 -3.05
CA LEU C 197 10.56 -29.94 -2.39
C LEU C 197 10.55 -30.18 -0.88
N ASP C 198 11.30 -31.17 -0.41
CA ASP C 198 11.33 -31.49 1.01
C ASP C 198 12.68 -31.26 1.68
N ASN C 199 13.64 -30.72 0.94
CA ASN C 199 14.96 -30.43 1.47
C ASN C 199 15.86 -31.63 1.72
N SER C 200 15.50 -32.78 1.15
CA SER C 200 16.32 -33.98 1.36
C SER C 200 17.48 -34.10 0.37
N ILE C 201 17.59 -33.15 -0.56
CA ILE C 201 18.70 -33.17 -1.52
C ILE C 201 20.02 -32.91 -0.80
N ILE C 202 19.93 -32.41 0.42
CA ILE C 202 21.12 -32.17 1.23
C ILE C 202 21.67 -33.50 1.73
N ARG C 203 20.92 -34.58 1.46
CA ARG C 203 21.31 -35.92 1.85
C ARG C 203 21.73 -36.75 0.64
N GLU C 204 22.60 -36.20 -0.22
CA GLU C 204 23.04 -36.95 -1.40
C GLU C 204 24.54 -36.81 -1.64
#